data_5POU
#
_entry.id   5POU
#
_cell.length_a   55.534
_cell.length_b   56.505
_cell.length_c   101.719
_cell.angle_alpha   90.000
_cell.angle_beta   90.000
_cell.angle_gamma   90.000
#
_symmetry.space_group_name_H-M   'P 21 21 21'
#
loop_
_entity.id
_entity.type
_entity.pdbx_description
1 polymer 'Bromodomain-containing protein 1'
2 non-polymer 1,2-ETHANEDIOL
3 non-polymer 'SODIUM ION'
4 non-polymer "N-(1-benzylpiperidin-4-yl)-N'-methylurea"
5 water water
#
_entity_poly.entity_id   1
_entity_poly.type   'polypeptide(L)'
_entity_poly.pdbx_seq_one_letter_code
;MHHHHHHSSGVDLGTENLYFQSMEQVAMELRLTELTRLLRSVLDQLQDKDPARIFAQPVSLKEVPDYLDHIKHPMDFATM
RKRLEAQGYKNLHEFEEDFDLIIDNCMKYNARDTVFYRAAVRLRDQGGVVLRQARREVDSIGLEEASGMHLPERPA
;
_entity_poly.pdbx_strand_id   A,B
#
# COMPACT_ATOMS: atom_id res chain seq x y z
N SER A 22 -24.07 -19.22 -20.78
CA SER A 22 -23.72 -18.80 -22.13
C SER A 22 -22.33 -19.27 -22.50
N MET A 23 -22.02 -19.21 -23.79
CA MET A 23 -20.70 -19.58 -24.27
CA MET A 23 -20.70 -19.60 -24.26
C MET A 23 -19.66 -18.57 -23.80
N GLU A 24 -20.05 -17.31 -23.76
CA GLU A 24 -19.16 -16.25 -23.32
C GLU A 24 -18.71 -16.47 -21.87
N GLN A 25 -19.67 -16.80 -21.00
CA GLN A 25 -19.34 -17.06 -19.60
C GLN A 25 -18.35 -18.21 -19.47
N VAL A 26 -18.55 -19.27 -20.24
CA VAL A 26 -17.63 -20.40 -20.23
C VAL A 26 -16.22 -20.00 -20.68
N ALA A 27 -16.15 -19.17 -21.73
CA ALA A 27 -14.87 -18.70 -22.24
C ALA A 27 -14.13 -17.88 -21.19
N MET A 28 -14.88 -17.02 -20.49
CA MET A 28 -14.34 -16.22 -19.40
C MET A 28 -13.79 -17.12 -18.29
N GLU A 29 -14.56 -18.14 -17.95
CA GLU A 29 -14.17 -19.06 -16.89
C GLU A 29 -12.95 -19.88 -17.28
N LEU A 30 -12.82 -20.20 -18.57
CA LEU A 30 -11.62 -20.88 -19.06
C LEU A 30 -10.39 -19.98 -18.89
N ARG A 31 -10.56 -18.69 -19.18
CA ARG A 31 -9.46 -17.75 -19.03
CA ARG A 31 -9.49 -17.72 -19.03
C ARG A 31 -9.07 -17.59 -17.57
N LEU A 32 -10.05 -17.54 -16.68
CA LEU A 32 -9.76 -17.44 -15.25
C LEU A 32 -9.06 -18.70 -14.74
N THR A 33 -9.46 -19.85 -15.25
CA THR A 33 -8.85 -21.11 -14.86
C THR A 33 -7.39 -21.14 -15.32
N GLU A 34 -7.13 -20.62 -16.52
CA GLU A 34 -5.77 -20.61 -17.02
C GLU A 34 -4.92 -19.53 -16.36
N LEU A 35 -5.56 -18.44 -15.92
CA LEU A 35 -4.84 -17.46 -15.10
C LEU A 35 -4.44 -18.10 -13.79
N THR A 36 -5.40 -18.81 -13.18
CA THR A 36 -5.16 -19.51 -11.92
C THR A 36 -4.01 -20.51 -12.06
N ARG A 37 -3.94 -21.21 -13.20
CA ARG A 37 -2.84 -22.13 -13.46
C ARG A 37 -1.49 -21.40 -13.51
N LEU A 38 -1.45 -20.27 -14.20
CA LEU A 38 -0.23 -19.48 -14.30
C LEU A 38 0.18 -18.95 -12.93
N LEU A 39 -0.78 -18.42 -12.18
CA LEU A 39 -0.51 -17.86 -10.86
C LEU A 39 -0.08 -18.91 -9.86
N ARG A 40 -0.58 -20.14 -10.02
CA ARG A 40 -0.15 -21.24 -9.16
C ARG A 40 1.33 -21.50 -9.37
N SER A 41 1.77 -21.47 -10.63
CA SER A 41 3.17 -21.65 -10.95
C SER A 41 4.01 -20.49 -10.40
N VAL A 42 3.52 -19.27 -10.58
CA VAL A 42 4.18 -18.08 -10.04
C VAL A 42 4.32 -18.17 -8.51
N LEU A 43 3.26 -18.59 -7.83
CA LEU A 43 3.28 -18.70 -6.38
C LEU A 43 4.33 -19.73 -5.94
N ASP A 44 4.42 -20.84 -6.66
CA ASP A 44 5.39 -21.87 -6.32
C ASP A 44 6.82 -21.34 -6.49
N GLN A 45 7.06 -20.57 -7.54
CA GLN A 45 8.38 -20.00 -7.77
C GLN A 45 8.75 -18.94 -6.73
N LEU A 46 7.77 -18.11 -6.34
CA LEU A 46 7.99 -17.09 -5.33
C LEU A 46 8.30 -17.72 -3.98
N GLN A 47 7.54 -18.75 -3.62
CA GLN A 47 7.73 -19.40 -2.35
C GLN A 47 9.08 -20.11 -2.27
N ASP A 48 9.57 -20.60 -3.41
CA ASP A 48 10.90 -21.21 -3.47
C ASP A 48 12.00 -20.21 -3.09
N LYS A 49 11.70 -18.91 -3.18
CA LYS A 49 12.65 -17.87 -2.79
C LYS A 49 12.56 -17.57 -1.30
N ASP A 50 11.78 -18.39 -0.59
CA ASP A 50 11.63 -18.32 0.88
C ASP A 50 11.94 -19.69 1.46
N PRO A 51 13.19 -20.17 1.32
CA PRO A 51 13.48 -21.53 1.76
C PRO A 51 13.38 -21.68 3.28
N ALA A 52 13.51 -20.56 4.00
CA ALA A 52 13.37 -20.57 5.45
C ALA A 52 11.91 -20.74 5.89
N ARG A 53 10.97 -20.57 4.95
CA ARG A 53 9.52 -20.63 5.21
C ARG A 53 9.05 -19.60 6.25
N ILE A 54 9.73 -18.46 6.25
CA ILE A 54 9.38 -17.35 7.12
C ILE A 54 7.99 -16.79 6.77
N PHE A 55 7.59 -16.90 5.51
CA PHE A 55 6.32 -16.32 5.04
C PHE A 55 5.26 -17.36 4.68
N ALA A 56 5.48 -18.60 5.07
CA ALA A 56 4.60 -19.69 4.68
C ALA A 56 3.22 -19.65 5.33
N GLN A 57 3.15 -19.09 6.54
CA GLN A 57 1.94 -19.12 7.35
C GLN A 57 1.62 -17.77 8.00
N PRO A 58 0.35 -17.53 8.37
CA PRO A 58 0.03 -16.28 9.09
C PRO A 58 0.90 -16.08 10.32
N VAL A 59 1.31 -14.85 10.58
CA VAL A 59 1.93 -14.54 11.86
C VAL A 59 1.01 -14.97 12.98
N SER A 60 1.53 -15.73 13.94
CA SER A 60 0.74 -16.23 15.05
C SER A 60 0.34 -15.14 16.04
N LEU A 61 -0.95 -14.97 16.25
CA LEU A 61 -1.44 -13.98 17.20
C LEU A 61 -1.25 -14.46 18.63
N LYS A 62 -0.91 -15.74 18.80
CA LYS A 62 -0.56 -16.21 20.13
C LYS A 62 0.88 -15.82 20.46
N GLU A 63 1.76 -15.89 19.47
CA GLU A 63 3.15 -15.55 19.68
C GLU A 63 3.41 -14.05 19.55
N VAL A 64 2.54 -13.35 18.81
CA VAL A 64 2.65 -11.91 18.64
C VAL A 64 1.29 -11.29 18.92
N PRO A 65 0.92 -11.18 20.20
CA PRO A 65 -0.45 -10.79 20.57
C PRO A 65 -0.88 -9.41 20.07
N ASP A 66 0.06 -8.48 19.88
CA ASP A 66 -0.32 -7.14 19.43
C ASP A 66 -0.19 -6.92 17.93
N TYR A 67 -0.03 -8.00 17.17
CA TYR A 67 0.30 -7.87 15.74
C TYR A 67 -0.70 -6.99 14.98
N LEU A 68 -1.99 -7.16 15.28
CA LEU A 68 -3.02 -6.44 14.53
C LEU A 68 -3.08 -4.96 14.90
N ASP A 69 -2.47 -4.57 16.02
CA ASP A 69 -2.28 -3.15 16.35
C ASP A 69 -1.28 -2.49 15.38
N HIS A 70 -0.39 -3.29 14.83
CA HIS A 70 0.67 -2.81 13.95
C HIS A 70 0.31 -2.96 12.48
N ILE A 71 -0.20 -4.14 12.14
CA ILE A 71 -0.42 -4.54 10.76
C ILE A 71 -1.91 -4.73 10.52
N LYS A 72 -2.46 -3.92 9.62
CA LYS A 72 -3.91 -3.91 9.43
C LYS A 72 -4.40 -4.95 8.43
N HIS A 73 -3.51 -5.41 7.55
CA HIS A 73 -3.88 -6.43 6.58
C HIS A 73 -2.82 -7.52 6.49
N PRO A 74 -2.84 -8.46 7.44
CA PRO A 74 -1.87 -9.56 7.42
C PRO A 74 -1.94 -10.39 6.14
N MET A 75 -0.81 -10.94 5.71
CA MET A 75 -0.83 -11.82 4.55
C MET A 75 0.32 -12.82 4.65
N ASP A 76 0.16 -13.94 3.97
CA ASP A 76 1.16 -15.02 3.99
C ASP A 76 0.90 -15.93 2.79
N PHE A 77 1.82 -16.82 2.48
CA PHE A 77 1.66 -17.68 1.30
C PHE A 77 0.49 -18.66 1.40
N ALA A 78 0.22 -19.20 2.59
CA ALA A 78 -0.90 -20.13 2.72
C ALA A 78 -2.25 -19.46 2.46
N THR A 79 -2.40 -18.24 2.95
CA THR A 79 -3.63 -17.49 2.75
C THR A 79 -3.80 -17.13 1.27
N MET A 80 -2.70 -16.80 0.60
CA MET A 80 -2.72 -16.54 -0.84
C MET A 80 -3.17 -17.78 -1.58
N ARG A 81 -2.65 -18.94 -1.18
CA ARG A 81 -2.96 -20.18 -1.87
C ARG A 81 -4.44 -20.54 -1.73
N LYS A 82 -5.02 -20.26 -0.56
CA LYS A 82 -6.45 -20.48 -0.36
C LYS A 82 -7.28 -19.62 -1.31
N ARG A 83 -6.92 -18.34 -1.43
CA ARG A 83 -7.63 -17.46 -2.34
C ARG A 83 -7.44 -17.90 -3.79
N LEU A 84 -6.23 -18.32 -4.12
CA LEU A 84 -5.90 -18.79 -5.47
C LEU A 84 -6.77 -19.96 -5.91
N GLU A 85 -6.92 -20.94 -5.03
CA GLU A 85 -7.66 -22.14 -5.41
C GLU A 85 -9.16 -21.90 -5.44
N ALA A 86 -9.61 -20.81 -4.82
CA ALA A 86 -10.99 -20.39 -4.93
C ALA A 86 -11.17 -19.50 -6.16
N GLN A 87 -10.12 -19.45 -6.98
CA GLN A 87 -10.06 -18.57 -8.16
C GLN A 87 -10.43 -17.13 -7.77
N GLY A 88 -9.87 -16.67 -6.66
CA GLY A 88 -10.18 -15.35 -6.13
C GLY A 88 -9.28 -14.23 -6.61
N TYR A 89 -8.31 -14.57 -7.47
CA TYR A 89 -7.50 -13.53 -8.12
C TYR A 89 -7.97 -13.35 -9.57
N LYS A 90 -8.62 -12.22 -9.85
CA LYS A 90 -9.19 -11.96 -11.16
C LYS A 90 -8.14 -11.49 -12.18
N ASN A 91 -7.02 -11.00 -11.67
CA ASN A 91 -5.94 -10.52 -12.52
C ASN A 91 -4.61 -10.57 -11.75
N LEU A 92 -3.50 -10.34 -12.44
CA LEU A 92 -2.19 -10.40 -11.80
C LEU A 92 -2.01 -9.32 -10.74
N HIS A 93 -2.60 -8.14 -10.96
CA HIS A 93 -2.45 -7.03 -10.02
C HIS A 93 -2.96 -7.41 -8.62
N GLU A 94 -4.08 -8.10 -8.55
CA GLU A 94 -4.64 -8.53 -7.27
C GLU A 94 -3.69 -9.47 -6.56
N PHE A 95 -3.08 -10.38 -7.32
CA PHE A 95 -2.11 -11.34 -6.79
C PHE A 95 -0.87 -10.59 -6.29
N GLU A 96 -0.36 -9.69 -7.11
CA GLU A 96 0.80 -8.89 -6.70
C GLU A 96 0.55 -8.03 -5.45
N GLU A 97 -0.66 -7.51 -5.30
N GLU A 97 -0.66 -7.54 -5.26
CA GLU A 97 -1.02 -6.75 -4.12
CA GLU A 97 -0.94 -6.71 -4.08
C GLU A 97 -0.80 -7.59 -2.86
C GLU A 97 -0.92 -7.55 -2.79
N ASP A 98 -1.25 -8.83 -2.89
CA ASP A 98 -1.11 -9.71 -1.73
C ASP A 98 0.37 -10.06 -1.50
N PHE A 99 1.12 -10.31 -2.57
CA PHE A 99 2.56 -10.59 -2.40
C PHE A 99 3.27 -9.39 -1.76
N ASP A 100 2.96 -8.19 -2.22
CA ASP A 100 3.56 -6.99 -1.66
C ASP A 100 3.20 -6.81 -0.17
N LEU A 101 1.98 -7.19 0.21
CA LEU A 101 1.59 -7.14 1.62
C LEU A 101 2.50 -8.01 2.48
N ILE A 102 2.81 -9.21 2.02
CA ILE A 102 3.70 -10.10 2.79
C ILE A 102 5.01 -9.38 3.08
N ILE A 103 5.60 -8.80 2.04
CA ILE A 103 6.88 -8.11 2.14
CA ILE A 103 6.88 -8.13 2.17
C ILE A 103 6.78 -6.84 2.99
N ASP A 104 5.81 -6.00 2.65
CA ASP A 104 5.70 -4.69 3.28
C ASP A 104 5.34 -4.82 4.75
N ASN A 105 4.45 -5.75 5.08
CA ASN A 105 4.11 -5.98 6.49
C ASN A 105 5.34 -6.34 7.30
N CYS A 106 6.16 -7.22 6.73
CA CYS A 106 7.34 -7.70 7.42
C CYS A 106 8.36 -6.59 7.66
N MET A 107 8.54 -5.74 6.65
CA MET A 107 9.56 -4.69 6.71
C MET A 107 9.13 -3.52 7.60
N LYS A 108 7.85 -3.47 7.96
CA LYS A 108 7.42 -2.48 8.94
CA LYS A 108 7.31 -2.53 8.96
C LYS A 108 7.49 -3.07 10.37
N TYR A 109 6.98 -4.27 10.58
CA TYR A 109 6.95 -4.80 11.95
C TYR A 109 8.33 -5.12 12.48
N ASN A 110 9.21 -5.60 11.61
CA ASN A 110 10.55 -6.03 12.00
C ASN A 110 11.59 -5.01 11.61
N ALA A 111 12.59 -4.83 12.48
CA ALA A 111 13.65 -3.86 12.24
C ALA A 111 14.61 -4.35 11.17
N ARG A 112 15.33 -3.40 10.59
CA ARG A 112 16.27 -3.64 9.51
C ARG A 112 17.29 -4.74 9.81
N ASP A 113 17.70 -4.86 11.07
CA ASP A 113 18.77 -5.80 11.45
C ASP A 113 18.24 -7.14 11.96
N THR A 114 17.12 -7.58 11.42
CA THR A 114 16.56 -8.87 11.81
C THR A 114 16.54 -9.83 10.64
N VAL A 115 16.55 -11.12 10.96
CA VAL A 115 16.49 -12.17 9.94
C VAL A 115 15.17 -12.06 9.15
N PHE A 116 14.11 -11.58 9.81
CA PHE A 116 12.81 -11.43 9.18
C PHE A 116 12.82 -10.35 8.09
N TYR A 117 13.28 -9.16 8.47
CA TYR A 117 13.37 -8.06 7.52
C TYR A 117 14.26 -8.45 6.33
N ARG A 118 15.39 -9.07 6.64
CA ARG A 118 16.34 -9.40 5.58
C ARG A 118 15.77 -10.47 4.64
N ALA A 119 14.98 -11.38 5.19
CA ALA A 119 14.33 -12.38 4.34
C ALA A 119 13.33 -11.72 3.38
N ALA A 120 12.62 -10.70 3.86
CA ALA A 120 11.67 -10.00 3.00
C ALA A 120 12.36 -9.25 1.87
N VAL A 121 13.51 -8.64 2.16
CA VAL A 121 14.27 -7.95 1.12
C VAL A 121 14.69 -8.92 0.02
N ARG A 122 15.21 -10.06 0.44
CA ARG A 122 15.66 -11.07 -0.51
C ARG A 122 14.51 -11.62 -1.35
N LEU A 123 13.37 -11.85 -0.71
CA LEU A 123 12.18 -12.33 -1.42
C LEU A 123 11.68 -11.30 -2.42
N ARG A 124 11.66 -10.03 -2.03
CA ARG A 124 11.26 -8.94 -2.92
CA ARG A 124 11.24 -8.97 -2.95
C ARG A 124 12.16 -8.89 -4.16
N ASP A 125 13.48 -8.89 -3.92
CA ASP A 125 14.45 -8.77 -5.02
C ASP A 125 14.37 -9.96 -5.97
N GLN A 126 14.36 -11.17 -5.43
CA GLN A 126 14.34 -12.36 -6.27
C GLN A 126 12.97 -12.56 -6.92
N GLY A 127 11.93 -12.12 -6.23
CA GLY A 127 10.57 -12.23 -6.75
C GLY A 127 10.30 -11.32 -7.92
N GLY A 128 10.97 -10.17 -7.97
CA GLY A 128 10.78 -9.20 -9.03
C GLY A 128 11.03 -9.80 -10.41
N VAL A 129 12.03 -10.66 -10.49
CA VAL A 129 12.37 -11.34 -11.73
C VAL A 129 11.19 -12.17 -12.24
N VAL A 130 10.65 -12.97 -11.33
CA VAL A 130 9.54 -13.87 -11.62
C VAL A 130 8.30 -13.09 -12.03
N LEU A 131 7.98 -12.03 -11.29
CA LEU A 131 6.79 -11.25 -11.57
C LEU A 131 6.90 -10.45 -12.86
N ARG A 132 8.12 -10.06 -13.22
CA ARG A 132 8.34 -9.33 -14.47
C ARG A 132 7.97 -10.20 -15.68
N GLN A 133 8.36 -11.47 -15.65
CA GLN A 133 8.07 -12.34 -16.78
C GLN A 133 6.61 -12.81 -16.73
N ALA A 134 6.08 -12.96 -15.51
CA ALA A 134 4.67 -13.33 -15.34
C ALA A 134 3.76 -12.29 -15.99
N ARG A 135 4.08 -11.01 -15.84
CA ARG A 135 3.31 -9.94 -16.44
C ARG A 135 3.33 -10.07 -17.96
N ARG A 136 4.49 -10.37 -18.52
CA ARG A 136 4.60 -10.56 -19.96
C ARG A 136 3.72 -11.72 -20.43
N GLU A 137 3.67 -12.81 -19.67
CA GLU A 137 2.92 -13.99 -20.06
C GLU A 137 1.42 -13.74 -20.01
N VAL A 138 0.98 -13.04 -18.97
CA VAL A 138 -0.42 -12.73 -18.81
C VAL A 138 -0.91 -11.84 -19.96
N ASP A 139 -0.12 -10.81 -20.28
CA ASP A 139 -0.44 -9.89 -21.36
C ASP A 139 -0.45 -10.57 -22.72
N SER A 140 0.59 -11.34 -22.99
CA SER A 140 0.73 -12.01 -24.28
C SER A 140 -0.40 -13.02 -24.50
N ILE A 141 -0.57 -13.94 -23.55
CA ILE A 141 -1.62 -14.94 -23.64
C ILE A 141 -3.01 -14.30 -23.54
N GLY A 142 -3.08 -13.13 -22.90
CA GLY A 142 -4.34 -12.45 -22.71
C GLY A 142 -5.21 -13.17 -21.70
N LEU A 143 -4.68 -13.33 -20.50
CA LEU A 143 -5.35 -14.11 -19.46
C LEU A 143 -6.21 -13.26 -18.52
N GLU A 144 -6.30 -11.97 -18.80
CA GLU A 144 -7.09 -11.07 -17.96
C GLU A 144 -7.77 -9.97 -18.78
N SER B 22 -19.87 26.06 -21.59
CA SER B 22 -20.97 25.13 -21.47
C SER B 22 -21.19 24.79 -20.01
N MET B 23 -22.38 24.30 -19.67
CA MET B 23 -22.67 23.91 -18.31
C MET B 23 -21.89 22.68 -17.89
N GLU B 24 -21.47 21.87 -18.86
CA GLU B 24 -20.59 20.74 -18.54
C GLU B 24 -19.24 21.24 -18.03
N GLN B 25 -18.74 22.33 -18.62
CA GLN B 25 -17.50 22.94 -18.12
C GLN B 25 -17.69 23.58 -16.75
N VAL B 26 -18.84 24.21 -16.54
CA VAL B 26 -19.13 24.77 -15.24
C VAL B 26 -19.13 23.67 -14.17
N ALA B 27 -19.78 22.55 -14.46
CA ALA B 27 -19.82 21.44 -13.52
C ALA B 27 -18.44 20.86 -13.25
N MET B 28 -17.62 20.72 -14.28
CA MET B 28 -16.27 20.18 -14.09
C MET B 28 -15.41 21.10 -13.22
N GLU B 29 -15.50 22.41 -13.47
CA GLU B 29 -14.71 23.34 -12.68
C GLU B 29 -15.22 23.37 -11.23
N LEU B 30 -16.53 23.26 -11.01
CA LEU B 30 -17.06 23.16 -9.64
C LEU B 30 -16.56 21.92 -8.92
N ARG B 31 -16.53 20.78 -9.61
CA ARG B 31 -16.05 19.55 -8.98
C ARG B 31 -14.57 19.70 -8.63
N LEU B 32 -13.79 20.35 -9.50
CA LEU B 32 -12.37 20.60 -9.23
C LEU B 32 -12.20 21.46 -7.99
N THR B 33 -12.95 22.55 -7.88
CA THR B 33 -12.67 23.46 -6.79
C THR B 33 -13.22 22.90 -5.47
N GLU B 34 -14.29 22.14 -5.52
CA GLU B 34 -14.81 21.50 -4.32
C GLU B 34 -13.92 20.37 -3.82
N LEU B 35 -13.34 19.61 -4.75
CA LEU B 35 -12.35 18.60 -4.36
C LEU B 35 -11.18 19.29 -3.68
N THR B 36 -10.70 20.40 -4.24
CA THR B 36 -9.55 21.08 -3.67
C THR B 36 -9.88 21.61 -2.27
N ARG B 37 -11.09 22.15 -2.09
CA ARG B 37 -11.53 22.63 -0.78
CA ARG B 37 -11.53 22.63 -0.79
C ARG B 37 -11.51 21.50 0.24
N LEU B 38 -12.05 20.36 -0.15
CA LEU B 38 -12.09 19.20 0.73
C LEU B 38 -10.68 18.71 1.10
N LEU B 39 -9.82 18.52 0.10
CA LEU B 39 -8.47 18.04 0.36
C LEU B 39 -7.67 19.03 1.20
N ARG B 40 -7.87 20.33 1.01
CA ARG B 40 -7.14 21.31 1.82
C ARG B 40 -7.54 21.18 3.29
N SER B 41 -8.83 20.96 3.53
CA SER B 41 -9.33 20.78 4.89
C SER B 41 -8.79 19.49 5.49
N VAL B 42 -8.79 18.41 4.71
CA VAL B 42 -8.22 17.15 5.18
C VAL B 42 -6.76 17.33 5.55
N LEU B 43 -5.98 17.97 4.68
CA LEU B 43 -4.55 18.13 4.95
C LEU B 43 -4.32 18.96 6.21
N ASP B 44 -5.09 20.02 6.38
N ASP B 44 -5.10 20.03 6.37
CA ASP B 44 -4.95 20.84 7.58
CA ASP B 44 -5.01 20.85 7.58
C ASP B 44 -5.30 20.03 8.82
C ASP B 44 -5.26 19.97 8.81
N GLN B 45 -6.31 19.18 8.75
CA GLN B 45 -6.70 18.32 9.88
C GLN B 45 -5.60 17.32 10.21
N LEU B 46 -4.96 16.76 9.19
CA LEU B 46 -3.87 15.81 9.41
C LEU B 46 -2.64 16.50 10.04
N GLN B 47 -2.21 17.63 9.48
CA GLN B 47 -1.06 18.35 10.02
C GLN B 47 -1.28 18.85 11.44
N ASP B 48 -2.51 19.24 11.77
CA ASP B 48 -2.81 19.74 13.10
CA ASP B 48 -2.82 19.74 13.10
C ASP B 48 -2.56 18.67 14.16
N LYS B 49 -2.55 17.40 13.74
CA LYS B 49 -2.31 16.30 14.66
C LYS B 49 -0.83 15.98 14.81
N ASP B 50 0.02 16.78 14.16
CA ASP B 50 1.47 16.56 14.21
C ASP B 50 2.19 17.85 14.69
N PRO B 51 1.95 18.27 15.95
CA PRO B 51 2.57 19.51 16.41
C PRO B 51 4.09 19.42 16.57
N ALA B 52 4.62 18.21 16.67
CA ALA B 52 6.07 18.03 16.73
C ALA B 52 6.72 18.19 15.35
N ARG B 53 5.89 18.29 14.31
CA ARG B 53 6.36 18.50 12.94
CA ARG B 53 6.36 18.49 12.94
C ARG B 53 7.24 17.34 12.45
N ILE B 54 6.94 16.13 12.94
CA ILE B 54 7.68 14.94 12.51
C ILE B 54 7.52 14.67 11.01
N PHE B 55 6.33 14.96 10.50
CA PHE B 55 5.96 14.63 9.12
C PHE B 55 5.82 15.88 8.24
N ALA B 56 6.25 17.03 8.77
CA ALA B 56 6.00 18.31 8.10
C ALA B 56 6.84 18.55 6.85
N GLN B 57 8.06 18.04 6.84
CA GLN B 57 9.05 18.35 5.81
C GLN B 57 9.76 17.07 5.42
N PRO B 58 10.41 17.04 4.24
CA PRO B 58 11.16 15.84 3.90
C PRO B 58 12.21 15.49 4.95
N VAL B 59 12.42 14.19 5.18
CA VAL B 59 13.54 13.76 6.01
C VAL B 59 14.84 14.28 5.40
N SER B 60 15.69 14.85 6.24
CA SER B 60 16.95 15.45 5.77
C SER B 60 18.01 14.41 5.43
N LEU B 61 18.50 14.43 4.20
CA LEU B 61 19.53 13.51 3.79
C LEU B 61 20.87 13.91 4.39
N LYS B 62 21.01 15.18 4.75
CA LYS B 62 22.21 15.64 5.46
C LYS B 62 22.27 14.95 6.82
N GLU B 63 21.14 14.92 7.52
CA GLU B 63 21.06 14.33 8.86
C GLU B 63 20.99 12.80 8.82
N VAL B 64 20.30 12.27 7.82
CA VAL B 64 20.05 10.84 7.69
C VAL B 64 20.56 10.35 6.33
N PRO B 65 21.89 10.21 6.17
CA PRO B 65 22.41 9.97 4.82
C PRO B 65 22.03 8.61 4.23
N ASP B 66 21.56 7.66 5.03
CA ASP B 66 21.17 6.37 4.49
C ASP B 66 19.67 6.28 4.16
N TYR B 67 18.94 7.39 4.28
CA TYR B 67 17.47 7.32 4.16
C TYR B 67 17.02 6.73 2.82
N LEU B 68 17.63 7.17 1.72
CA LEU B 68 17.25 6.65 0.40
C LEU B 68 17.80 5.27 0.09
N ASP B 69 18.67 4.74 0.95
CA ASP B 69 19.06 3.33 0.80
C ASP B 69 17.84 2.46 1.01
N HIS B 70 16.91 2.96 1.84
CA HIS B 70 15.80 2.13 2.30
C HIS B 70 14.44 2.60 1.84
N ILE B 71 14.28 3.90 1.67
CA ILE B 71 12.99 4.46 1.31
C ILE B 71 13.02 4.92 -0.14
N LYS B 72 12.24 4.23 -0.98
CA LYS B 72 12.19 4.47 -2.42
C LYS B 72 11.46 5.75 -2.80
N HIS B 73 10.36 6.05 -2.11
CA HIS B 73 9.55 7.22 -2.43
C HIS B 73 9.25 8.08 -1.19
N PRO B 74 10.17 8.97 -0.85
CA PRO B 74 9.94 9.86 0.30
C PRO B 74 8.67 10.70 0.17
N MET B 75 8.01 10.99 1.28
CA MET B 75 6.82 11.84 1.26
C MET B 75 6.69 12.55 2.59
N ASP B 76 6.02 13.71 2.58
CA ASP B 76 5.85 14.56 3.74
C ASP B 76 4.71 15.54 3.47
N PHE B 77 4.22 16.22 4.51
CA PHE B 77 3.05 17.09 4.34
C PHE B 77 3.32 18.30 3.45
N ALA B 78 4.53 18.87 3.48
CA ALA B 78 4.82 20.02 2.61
C ALA B 78 4.76 19.62 1.15
N THR B 79 5.29 18.45 0.83
CA THR B 79 5.30 17.96 -0.53
C THR B 79 3.85 17.67 -0.97
N MET B 80 3.02 17.16 -0.05
CA MET B 80 1.60 16.97 -0.37
C MET B 80 0.91 18.31 -0.61
N ARG B 81 1.21 19.31 0.20
CA ARG B 81 0.57 20.61 0.04
C ARG B 81 0.92 21.23 -1.32
N LYS B 82 2.18 21.10 -1.72
CA LYS B 82 2.63 21.59 -3.01
C LYS B 82 1.83 20.94 -4.13
N ARG B 83 1.70 19.63 -4.09
CA ARG B 83 0.95 18.91 -5.11
C ARG B 83 -0.52 19.32 -5.11
N LEU B 84 -1.10 19.45 -3.92
CA LEU B 84 -2.49 19.87 -3.79
C LEU B 84 -2.74 21.23 -4.44
N GLU B 85 -1.92 22.21 -4.09
CA GLU B 85 -2.18 23.58 -4.54
C GLU B 85 -1.84 23.76 -6.01
N ALA B 86 -1.04 22.86 -6.56
CA ALA B 86 -0.70 22.90 -7.98
C ALA B 86 -1.70 22.13 -8.83
N GLN B 87 -2.82 21.72 -8.22
CA GLN B 87 -3.86 20.95 -8.89
C GLN B 87 -3.38 19.56 -9.32
N GLY B 88 -2.52 18.93 -8.52
CA GLY B 88 -1.94 17.64 -8.85
C GLY B 88 -2.61 16.41 -8.30
N TYR B 89 -3.66 16.59 -7.49
CA TYR B 89 -4.49 15.47 -7.04
C TYR B 89 -5.79 15.44 -7.84
N LYS B 90 -6.00 14.35 -8.57
CA LYS B 90 -7.17 14.22 -9.44
C LYS B 90 -8.39 13.72 -8.67
N ASN B 91 -8.13 13.02 -7.57
CA ASN B 91 -9.17 12.44 -6.74
C ASN B 91 -8.66 12.17 -5.33
N LEU B 92 -9.57 11.78 -4.44
CA LEU B 92 -9.20 11.52 -3.05
C LEU B 92 -8.23 10.36 -2.94
N HIS B 93 -8.36 9.35 -3.78
CA HIS B 93 -7.48 8.20 -3.67
C HIS B 93 -6.02 8.58 -3.89
N GLU B 94 -5.74 9.45 -4.85
CA GLU B 94 -4.35 9.88 -5.07
C GLU B 94 -3.77 10.57 -3.83
N PHE B 95 -4.60 11.34 -3.15
CA PHE B 95 -4.22 12.00 -1.90
C PHE B 95 -3.95 10.95 -0.82
N GLU B 96 -4.87 9.99 -0.68
CA GLU B 96 -4.72 8.90 0.28
CA GLU B 96 -4.73 8.91 0.28
C GLU B 96 -3.42 8.13 0.06
N GLU B 97 -3.05 7.89 -1.19
CA GLU B 97 -1.83 7.15 -1.48
C GLU B 97 -0.59 7.90 -0.97
N ASP B 98 -0.57 9.21 -1.08
CA ASP B 98 0.58 9.99 -0.56
C ASP B 98 0.59 9.99 0.98
N PHE B 99 -0.57 10.07 1.60
CA PHE B 99 -0.61 9.97 3.06
C PHE B 99 -0.09 8.62 3.50
N ASP B 100 -0.52 7.57 2.83
CA ASP B 100 -0.04 6.24 3.18
C ASP B 100 1.47 6.10 3.02
N LEU B 101 2.05 6.75 2.03
CA LEU B 101 3.49 6.77 1.87
C LEU B 101 4.16 7.37 3.11
N ILE B 102 3.64 8.48 3.59
CA ILE B 102 4.21 9.11 4.79
C ILE B 102 4.26 8.10 5.95
N ILE B 103 3.13 7.45 6.20
CA ILE B 103 3.02 6.48 7.28
C ILE B 103 3.89 5.26 7.07
N ASP B 104 3.78 4.67 5.89
CA ASP B 104 4.49 3.43 5.57
C ASP B 104 6.00 3.62 5.58
N ASN B 105 6.47 4.75 5.05
CA ASN B 105 7.90 5.04 5.06
C ASN B 105 8.43 5.12 6.49
N CYS B 106 7.67 5.78 7.35
CA CYS B 106 8.08 5.94 8.74
C CYS B 106 8.09 4.60 9.48
N MET B 107 7.06 3.79 9.25
CA MET B 107 7.01 2.48 9.89
C MET B 107 8.07 1.52 9.36
N LYS B 108 8.46 1.68 8.10
CA LYS B 108 9.51 0.85 7.51
CA LYS B 108 9.52 0.85 7.54
C LYS B 108 10.90 1.28 8.00
N TYR B 109 11.16 2.58 8.04
CA TYR B 109 12.50 3.04 8.41
C TYR B 109 12.79 2.85 9.89
N ASN B 110 11.80 3.12 10.74
CA ASN B 110 12.01 3.14 12.18
C ASN B 110 11.59 1.83 12.85
N ALA B 111 12.33 1.43 13.89
CA ALA B 111 11.95 0.24 14.65
C ALA B 111 10.66 0.47 15.42
N ARG B 112 9.91 -0.59 15.72
CA ARG B 112 8.57 -0.36 16.25
C ARG B 112 8.58 0.22 17.66
N ASP B 113 9.62 -0.07 18.43
CA ASP B 113 9.71 0.44 19.79
C ASP B 113 10.45 1.78 19.77
N THR B 114 9.92 2.75 19.02
CA THR B 114 10.48 4.10 18.94
C THR B 114 9.35 5.12 18.92
N VAL B 115 9.68 6.36 19.31
CA VAL B 115 8.70 7.43 19.34
C VAL B 115 8.18 7.77 17.94
N PHE B 116 9.06 7.76 16.93
CA PHE B 116 8.61 8.14 15.60
CA PHE B 116 8.66 8.08 15.56
C PHE B 116 7.71 7.04 14.99
N TYR B 117 8.02 5.77 15.20
CA TYR B 117 7.15 4.71 14.71
C TYR B 117 5.79 4.83 15.38
N ARG B 118 5.76 5.06 16.69
CA ARG B 118 4.48 5.17 17.38
C ARG B 118 3.71 6.42 16.92
N ALA B 119 4.42 7.47 16.53
CA ALA B 119 3.77 8.65 15.97
C ALA B 119 3.08 8.30 14.66
N ALA B 120 3.75 7.48 13.83
CA ALA B 120 3.13 7.07 12.56
C ALA B 120 1.87 6.23 12.79
N VAL B 121 1.92 5.31 13.74
CA VAL B 121 0.73 4.51 14.08
C VAL B 121 -0.40 5.40 14.59
N ARG B 122 -0.07 6.39 15.43
CA ARG B 122 -1.05 7.33 15.94
C ARG B 122 -1.70 8.12 14.80
N LEU B 123 -0.87 8.68 13.94
CA LEU B 123 -1.36 9.46 12.81
C LEU B 123 -2.14 8.59 11.80
N ARG B 124 -1.71 7.34 11.61
CA ARG B 124 -2.45 6.44 10.75
C ARG B 124 -3.88 6.23 11.24
N ASP B 125 -4.03 5.99 12.55
N ASP B 125 -4.03 6.04 12.54
CA ASP B 125 -5.36 5.77 13.17
CA ASP B 125 -5.33 5.69 13.07
C ASP B 125 -6.20 7.00 12.99
C ASP B 125 -6.24 6.93 13.19
N GLN B 126 -5.66 8.11 13.44
CA GLN B 126 -6.39 9.36 13.39
C GLN B 126 -6.72 9.73 11.95
N GLY B 127 -5.73 9.60 11.08
CA GLY B 127 -5.91 9.90 9.67
C GLY B 127 -6.91 9.01 8.97
N GLY B 128 -6.96 7.74 9.35
CA GLY B 128 -7.92 6.84 8.72
C GLY B 128 -9.35 7.32 8.96
N VAL B 129 -9.62 7.83 10.14
CA VAL B 129 -10.95 8.35 10.46
C VAL B 129 -11.24 9.59 9.61
N VAL B 130 -10.30 10.51 9.53
CA VAL B 130 -10.47 11.72 8.75
C VAL B 130 -10.73 11.36 7.30
N LEU B 131 -9.99 10.39 6.77
CA LEU B 131 -10.09 10.04 5.37
C LEU B 131 -11.38 9.28 5.06
N ARG B 132 -11.87 8.46 5.98
CA ARG B 132 -13.15 7.79 5.74
C ARG B 132 -14.29 8.84 5.75
N GLN B 133 -14.19 9.86 6.59
CA GLN B 133 -15.15 10.97 6.57
C GLN B 133 -15.04 11.75 5.26
N ALA B 134 -13.82 11.94 4.77
CA ALA B 134 -13.62 12.60 3.49
C ALA B 134 -14.28 11.82 2.35
N ARG B 135 -14.26 10.50 2.43
CA ARG B 135 -14.89 9.67 1.39
C ARG B 135 -16.40 9.86 1.44
N ARG B 136 -16.98 9.96 2.64
CA ARG B 136 -18.41 10.25 2.76
C ARG B 136 -18.73 11.60 2.14
N GLU B 137 -17.84 12.57 2.31
CA GLU B 137 -18.06 13.89 1.74
C GLU B 137 -17.92 13.89 0.21
N VAL B 138 -16.97 13.13 -0.32
CA VAL B 138 -16.87 12.97 -1.76
C VAL B 138 -18.19 12.45 -2.34
N ASP B 139 -18.77 11.45 -1.70
CA ASP B 139 -20.02 10.87 -2.20
C ASP B 139 -21.18 11.84 -2.05
N SER B 140 -21.25 12.54 -0.93
CA SER B 140 -22.34 13.50 -0.68
C SER B 140 -22.30 14.71 -1.61
N ILE B 141 -21.10 15.20 -1.88
CA ILE B 141 -20.92 16.39 -2.73
C ILE B 141 -21.06 16.02 -4.22
N GLY B 142 -20.74 14.77 -4.56
CA GLY B 142 -20.79 14.32 -5.95
C GLY B 142 -19.52 14.48 -6.76
N LEU B 143 -18.38 14.34 -6.11
CA LEU B 143 -17.10 14.66 -6.74
C LEU B 143 -16.60 13.61 -7.71
N GLU B 144 -17.13 12.39 -7.62
CA GLU B 144 -16.74 11.36 -8.58
C GLU B 144 -17.91 10.89 -9.44
#